data_3L1N
#
_entry.id   3L1N
#
_cell.length_a   46.510
_cell.length_b   46.510
_cell.length_c   149.380
_cell.angle_alpha   90.00
_cell.angle_beta   90.00
_cell.angle_gamma   90.00
#
_symmetry.space_group_name_H-M   'P 41 21 2'
#
loop_
_entity.id
_entity.type
_entity.pdbx_description
1 polymer 'Cell wall antigen'
2 non-polymer 'PALMITIC ACID'
3 water water
#
_entity_poly.entity_id   1
_entity_poly.type   'polypeptide(L)'
_entity_poly.pdbx_seq_one_letter_code
;(MSE)GSSHHHHHHSSGLVPRGSH(MSE)AS(MSE)TGGQQ(MSE)GRGSTKVKREATKVQRDISAFKKV(MSE)QNISL
AVNKFNVDIERYVGGDASHLLADGNVLIKATLDGVQSLQNEPPLSS(MSE)EALALVGPVQDLSNQI(MSE)LAIQNLID
KKEPLVQAGFGGKVENNLRQQEEAAQKLSELVSTKVPHELADISRQLSDGIAAGIKKGIDAF
;
_entity_poly.pdbx_strand_id   A
#
# COMPACT_ATOMS: atom_id res chain seq x y z
N GLU A 40 18.77 1.92 13.87
CA GLU A 40 19.40 2.93 12.98
C GLU A 40 18.35 3.63 12.12
N ALA A 41 18.79 4.61 11.34
CA ALA A 41 17.90 5.41 10.51
C ALA A 41 17.22 4.57 9.41
N THR A 42 16.06 5.05 8.96
CA THR A 42 15.33 4.42 7.85
C THR A 42 16.26 4.09 6.70
N LYS A 43 16.14 2.87 6.19
CA LYS A 43 16.92 2.44 5.05
C LYS A 43 16.06 2.31 3.80
N VAL A 44 16.71 2.13 2.66
CA VAL A 44 16.00 1.90 1.42
C VAL A 44 15.04 0.73 1.61
N GLN A 45 13.82 0.93 1.11
CA GLN A 45 12.74 -0.02 1.25
C GLN A 45 13.13 -1.43 0.81
N ARG A 46 12.79 -2.41 1.63
CA ARG A 46 12.96 -3.81 1.26
C ARG A 46 12.07 -4.14 0.06
N ASP A 47 12.66 -4.83 -0.91
CA ASP A 47 11.91 -5.35 -2.05
C ASP A 47 11.16 -6.61 -1.61
N ILE A 48 9.86 -6.45 -1.35
CA ILE A 48 9.01 -7.57 -0.92
C ILE A 48 8.15 -8.10 -2.07
N SER A 49 8.56 -7.80 -3.31
CA SER A 49 7.80 -8.21 -4.50
C SER A 49 7.58 -9.71 -4.60
N ALA A 50 8.52 -10.53 -4.14
CA ALA A 50 8.35 -11.98 -4.19
C ALA A 50 7.10 -12.42 -3.42
N PHE A 51 6.86 -11.80 -2.27
CA PHE A 51 5.66 -12.10 -1.48
C PHE A 51 4.40 -11.68 -2.22
N LYS A 52 4.42 -10.48 -2.80
CA LYS A 52 3.27 -9.98 -3.55
C LYS A 52 2.96 -10.85 -4.75
N LYS A 53 4.01 -11.32 -5.43
CA LYS A 53 3.85 -12.16 -6.60
C LYS A 53 3.21 -13.51 -6.26
N VAL A 54 3.64 -14.13 -5.16
CA VAL A 54 3.01 -15.37 -4.71
C VAL A 54 1.53 -15.15 -4.40
N GLN A 56 -0.49 -12.86 -5.54
CA GLN A 56 -1.22 -12.60 -6.78
C GLN A 56 -1.43 -13.86 -7.59
N ASN A 57 -0.40 -14.71 -7.64
CA ASN A 57 -0.48 -15.96 -8.38
C ASN A 57 -1.54 -16.88 -7.78
N ILE A 58 -1.53 -17.02 -6.45
CA ILE A 58 -2.54 -17.82 -5.77
C ILE A 58 -3.93 -17.20 -5.95
N SER A 59 -4.03 -15.88 -5.80
CA SER A 59 -5.29 -15.17 -5.97
C SER A 59 -5.90 -15.42 -7.35
N LEU A 60 -5.09 -15.33 -8.40
CA LEU A 60 -5.57 -15.60 -9.76
C LEU A 60 -6.04 -17.03 -9.94
N ALA A 61 -5.32 -17.99 -9.38
CA ALA A 61 -5.69 -19.40 -9.46
C ALA A 61 -7.00 -19.69 -8.72
N VAL A 62 -7.17 -19.08 -7.55
CA VAL A 62 -8.42 -19.21 -6.81
C VAL A 62 -9.58 -18.59 -7.59
N ASN A 63 -9.35 -17.42 -8.16
CA ASN A 63 -10.38 -16.75 -8.94
C ASN A 63 -10.81 -17.57 -10.15
N LYS A 64 -9.84 -18.14 -10.88
CA LYS A 64 -10.15 -18.99 -12.03
C LYS A 64 -11.04 -20.15 -11.59
N PHE A 65 -10.70 -20.75 -10.45
CA PHE A 65 -11.54 -21.81 -9.91
C PHE A 65 -12.95 -21.31 -9.57
N ASN A 66 -13.05 -20.19 -8.86
CA ASN A 66 -14.37 -19.66 -8.49
C ASN A 66 -15.26 -19.36 -9.71
N VAL A 67 -14.67 -18.76 -10.75
CA VAL A 67 -15.40 -18.48 -11.97
C VAL A 67 -15.97 -19.78 -12.56
N ASP A 68 -15.14 -20.80 -12.64
CA ASP A 68 -15.56 -22.07 -13.22
C ASP A 68 -16.55 -22.83 -12.34
N ILE A 69 -16.29 -22.93 -11.04
CA ILE A 69 -17.14 -23.75 -10.18
C ILE A 69 -18.54 -23.17 -10.08
N GLU A 70 -18.64 -21.85 -10.03
CA GLU A 70 -19.96 -21.21 -9.94
C GLU A 70 -20.78 -21.42 -11.20
N ARG A 71 -20.10 -21.60 -12.34
CA ARG A 71 -20.76 -21.85 -13.61
C ARG A 71 -20.93 -23.33 -13.93
N TYR A 72 -20.36 -24.18 -13.09
CA TYR A 72 -20.47 -25.62 -13.31
C TYR A 72 -21.87 -26.09 -12.94
N VAL A 73 -22.51 -26.76 -13.88
CA VAL A 73 -23.87 -27.26 -13.69
C VAL A 73 -23.85 -28.76 -13.46
N GLY A 74 -23.02 -29.46 -14.23
CA GLY A 74 -22.96 -30.91 -14.20
C GLY A 74 -22.13 -31.37 -15.37
N GLY A 75 -21.97 -32.68 -15.49
CA GLY A 75 -21.18 -33.23 -16.58
C GLY A 75 -19.69 -33.17 -16.31
N ASP A 76 -18.91 -33.30 -17.38
CA ASP A 76 -17.48 -33.48 -17.22
C ASP A 76 -16.83 -32.34 -16.45
N ALA A 77 -16.04 -32.70 -15.43
CA ALA A 77 -15.43 -31.72 -14.53
C ALA A 77 -13.91 -31.68 -14.64
N SER A 78 -13.35 -32.19 -15.73
CA SER A 78 -11.90 -32.19 -15.94
C SER A 78 -11.30 -30.80 -15.77
N HIS A 79 -12.01 -29.77 -16.24
CA HIS A 79 -11.51 -28.41 -16.14
C HIS A 79 -11.45 -27.90 -14.70
N LEU A 80 -12.33 -28.41 -13.85
CA LEU A 80 -12.29 -28.06 -12.42
C LEU A 80 -11.10 -28.71 -11.73
N LEU A 81 -10.82 -29.96 -12.08
CA LEU A 81 -9.64 -30.63 -11.55
C LEU A 81 -8.36 -29.93 -12.02
N ALA A 82 -8.33 -29.53 -13.28
CA ALA A 82 -7.22 -28.75 -13.82
C ALA A 82 -7.04 -27.43 -13.04
N ASP A 83 -8.15 -26.74 -12.77
CA ASP A 83 -8.08 -25.52 -11.95
C ASP A 83 -7.47 -25.82 -10.58
N GLY A 84 -7.87 -26.95 -9.99
CA GLY A 84 -7.33 -27.39 -8.71
C GLY A 84 -5.84 -27.64 -8.80
N ASN A 85 -5.42 -28.29 -9.88
CA ASN A 85 -4.00 -28.56 -10.11
C ASN A 85 -3.17 -27.28 -10.25
N VAL A 86 -3.71 -26.30 -10.96
CA VAL A 86 -3.07 -24.99 -11.10
C VAL A 86 -2.91 -24.32 -9.72
N LEU A 87 -3.93 -24.43 -8.88
CA LEU A 87 -3.89 -23.86 -7.53
C LEU A 87 -2.85 -24.57 -6.65
N ILE A 88 -2.80 -25.90 -6.70
CA ILE A 88 -1.76 -26.64 -5.96
C ILE A 88 -0.37 -26.20 -6.41
N LYS A 89 -0.17 -26.09 -7.72
CA LYS A 89 1.10 -25.67 -8.27
C LYS A 89 1.46 -24.24 -7.84
N ALA A 90 0.48 -23.34 -7.81
CA ALA A 90 0.71 -21.97 -7.36
C ALA A 90 1.16 -21.95 -5.90
N THR A 91 0.52 -22.79 -5.09
CA THR A 91 0.86 -22.92 -3.67
C THR A 91 2.29 -23.44 -3.50
N LEU A 92 2.61 -24.53 -4.18
CA LEU A 92 3.93 -25.13 -4.07
C LEU A 92 5.01 -24.23 -4.69
N ASP A 93 4.68 -23.56 -5.79
CA ASP A 93 5.60 -22.56 -6.35
C ASP A 93 5.90 -21.47 -5.33
N GLY A 94 4.91 -21.12 -4.51
CA GLY A 94 5.11 -20.15 -3.43
C GLY A 94 6.10 -20.63 -2.39
N VAL A 95 6.03 -21.91 -2.04
CA VAL A 95 6.98 -22.53 -1.11
C VAL A 95 8.42 -22.38 -1.65
N GLN A 96 8.59 -22.58 -2.95
CA GLN A 96 9.90 -22.41 -3.56
C GLN A 96 10.32 -20.94 -3.71
N SER A 97 9.38 -20.10 -4.16
CA SER A 97 9.66 -18.68 -4.37
C SER A 97 10.09 -17.93 -3.11
N LEU A 98 9.58 -18.35 -1.97
CA LEU A 98 9.86 -17.64 -0.72
C LEU A 98 10.92 -18.34 0.13
N GLN A 99 11.49 -19.42 -0.39
CA GLN A 99 12.46 -20.23 0.36
C GLN A 99 13.73 -19.46 0.75
N ASN A 100 14.02 -18.40 0.01
CA ASN A 100 15.25 -17.61 0.16
CA ASN A 100 15.25 -17.61 0.18
C ASN A 100 15.02 -16.23 0.76
N GLU A 101 13.79 -15.95 1.20
CA GLU A 101 13.44 -14.63 1.73
C GLU A 101 13.71 -14.57 3.22
N PRO A 102 14.49 -13.57 3.67
CA PRO A 102 14.64 -13.40 5.12
C PRO A 102 13.29 -13.10 5.80
N PRO A 103 13.19 -13.35 7.12
CA PRO A 103 11.97 -12.99 7.83
C PRO A 103 11.64 -11.51 7.68
N LEU A 104 10.34 -11.22 7.75
CA LEU A 104 9.82 -9.86 7.65
C LEU A 104 9.87 -9.18 9.00
N SER A 105 10.28 -7.92 9.01
CA SER A 105 10.15 -7.08 10.20
C SER A 105 8.67 -6.68 10.35
N SER A 106 8.32 -6.11 11.50
CA SER A 106 6.98 -5.59 11.72
C SER A 106 6.54 -4.65 10.59
N GLU A 108 7.85 -4.32 7.49
CA GLU A 108 7.81 -5.03 6.21
C GLU A 108 6.54 -5.87 6.09
N ALA A 109 6.13 -6.50 7.19
CA ALA A 109 4.89 -7.28 7.20
C ALA A 109 3.68 -6.38 6.97
N LEU A 110 3.66 -5.18 7.57
CA LEU A 110 2.55 -4.25 7.33
C LEU A 110 2.52 -3.78 5.88
N ALA A 111 3.70 -3.54 5.30
CA ALA A 111 3.80 -3.15 3.89
C ALA A 111 3.10 -4.18 3.00
N LEU A 112 3.14 -5.44 3.43
CA LEU A 112 2.48 -6.52 2.73
C LEU A 112 0.99 -6.65 3.02
N VAL A 113 0.64 -6.62 4.30
CA VAL A 113 -0.72 -6.90 4.80
CA VAL A 113 -0.75 -6.92 4.67
C VAL A 113 -1.66 -5.69 4.74
N GLY A 114 -1.09 -4.51 4.95
CA GLY A 114 -1.87 -3.27 5.03
C GLY A 114 -1.15 -2.14 4.33
N PRO A 115 -1.02 -2.22 2.99
CA PRO A 115 -0.20 -1.24 2.26
C PRO A 115 -0.65 0.22 2.39
N VAL A 116 -1.95 0.47 2.55
CA VAL A 116 -2.42 1.86 2.73
C VAL A 116 -1.99 2.40 4.09
N GLN A 117 -2.12 1.55 5.11
CA GLN A 117 -1.66 1.92 6.44
C GLN A 117 -0.16 2.15 6.48
N ASP A 118 0.60 1.27 5.81
CA ASP A 118 2.05 1.46 5.69
C ASP A 118 2.37 2.81 5.09
N LEU A 119 1.71 3.15 3.99
CA LEU A 119 1.99 4.40 3.30
C LEU A 119 1.68 5.60 4.20
N SER A 120 0.52 5.56 4.86
CA SER A 120 0.17 6.60 5.81
C SER A 120 1.24 6.74 6.90
N ASN A 121 1.65 5.62 7.49
CA ASN A 121 2.69 5.65 8.52
C ASN A 121 3.97 6.29 8.02
N GLN A 122 4.39 5.97 6.80
CA GLN A 122 5.64 6.51 6.28
C GLN A 122 5.54 8.01 5.95
N ILE A 123 4.38 8.45 5.47
CA ILE A 123 4.12 9.87 5.27
C ILE A 123 4.17 10.64 6.58
N LEU A 125 5.73 9.81 9.29
CA LEU A 125 7.15 9.81 9.69
C LEU A 125 7.92 10.90 8.95
N ALA A 126 7.68 11.02 7.63
CA ALA A 126 8.35 12.04 6.82
C ALA A 126 8.08 13.44 7.37
N ILE A 127 6.84 13.70 7.75
CA ILE A 127 6.48 15.00 8.29
C ILE A 127 7.24 15.29 9.59
N GLN A 128 7.26 14.32 10.50
CA GLN A 128 7.97 14.55 11.76
C GLN A 128 9.48 14.68 11.55
N ASN A 129 10.03 13.86 10.65
CA ASN A 129 11.45 13.94 10.33
C ASN A 129 11.83 15.32 9.79
N LEU A 130 10.96 15.87 8.94
CA LEU A 130 11.19 17.18 8.36
C LEU A 130 11.15 18.28 9.42
N ILE A 131 10.11 18.26 10.25
CA ILE A 131 9.97 19.24 11.32
C ILE A 131 11.20 19.20 12.25
N ASP A 132 11.70 17.99 12.50
CA ASP A 132 12.88 17.79 13.33
C ASP A 132 14.13 18.52 12.82
N LYS A 133 14.17 18.74 11.50
CA LYS A 133 15.33 19.37 10.87
C LYS A 133 15.13 20.85 10.54
N LYS A 134 14.10 21.46 11.11
CA LYS A 134 13.81 22.87 10.85
C LYS A 134 15.02 23.77 11.08
N GLU A 135 15.73 23.59 12.20
CA GLU A 135 16.83 24.50 12.52
C GLU A 135 17.97 24.45 11.48
N PRO A 136 18.53 23.25 11.22
CA PRO A 136 19.56 23.24 10.17
C PRO A 136 19.05 23.69 8.80
N LEU A 137 17.79 23.40 8.47
CA LEU A 137 17.25 23.86 7.17
C LEU A 137 17.22 25.39 7.08
N VAL A 138 16.79 26.03 8.15
CA VAL A 138 16.81 27.50 8.22
C VAL A 138 18.26 28.03 8.17
N GLN A 139 19.17 27.38 8.89
CA GLN A 139 20.57 27.81 8.86
C GLN A 139 21.18 27.69 7.46
N ALA A 140 20.65 26.76 6.67
CA ALA A 140 21.12 26.54 5.31
C ALA A 140 20.46 27.49 4.30
N GLY A 141 19.44 28.23 4.74
CA GLY A 141 18.72 29.16 3.88
C GLY A 141 17.51 28.57 3.15
N PHE A 142 17.05 27.40 3.61
CA PHE A 142 16.02 26.62 2.89
C PHE A 142 14.63 26.65 3.53
N GLY A 143 14.45 27.40 4.62
CA GLY A 143 13.18 27.38 5.35
C GLY A 143 11.97 27.78 4.52
N GLY A 144 12.13 28.83 3.74
CA GLY A 144 11.04 29.32 2.88
C GLY A 144 10.74 28.33 1.76
N LYS A 145 11.79 27.76 1.19
CA LYS A 145 11.64 26.77 0.12
C LYS A 145 10.95 25.50 0.60
N VAL A 146 11.27 25.07 1.81
CA VAL A 146 10.58 23.95 2.42
C VAL A 146 9.09 24.27 2.60
N GLU A 147 8.76 25.45 3.12
CA GLU A 147 7.35 25.84 3.28
C GLU A 147 6.62 25.85 1.93
N ASN A 148 7.29 26.35 0.90
CA ASN A 148 6.73 26.38 -0.46
C ASN A 148 6.46 24.96 -0.95
N ASN A 149 7.45 24.08 -0.78
CA ASN A 149 7.31 22.69 -1.22
C ASN A 149 6.17 22.00 -0.50
N LEU A 150 6.07 22.24 0.80
CA LEU A 150 4.97 21.68 1.60
C LEU A 150 3.60 22.16 1.14
N ARG A 151 3.50 23.43 0.76
CA ARG A 151 2.25 23.95 0.19
C ARG A 151 1.90 23.24 -1.12
N GLN A 152 2.90 22.92 -1.93
CA GLN A 152 2.70 22.12 -3.13
C GLN A 152 2.27 20.69 -2.78
N GLN A 153 2.89 20.09 -1.76
CA GLN A 153 2.51 18.74 -1.30
C GLN A 153 1.06 18.75 -0.87
N GLU A 154 0.68 19.80 -0.15
CA GLU A 154 -0.68 19.94 0.36
C GLU A 154 -1.70 19.96 -0.77
N GLU A 155 -1.44 20.76 -1.79
CA GLU A 155 -2.35 20.90 -2.94
C GLU A 155 -2.45 19.59 -3.73
N ALA A 156 -1.30 18.94 -3.95
CA ALA A 156 -1.27 17.69 -4.70
C ALA A 156 -2.00 16.58 -3.94
N ALA A 157 -1.73 16.49 -2.63
CA ALA A 157 -2.41 15.51 -1.77
C ALA A 157 -3.92 15.72 -1.75
N GLN A 158 -4.36 16.97 -1.70
CA GLN A 158 -5.79 17.30 -1.76
C GLN A 158 -6.41 16.75 -3.04
N LYS A 159 -5.73 16.95 -4.16
CA LYS A 159 -6.24 16.50 -5.46
C LYS A 159 -6.36 14.98 -5.55
N LEU A 160 -5.34 14.28 -5.08
CA LEU A 160 -5.37 12.82 -5.09
C LEU A 160 -6.41 12.30 -4.11
N SER A 161 -6.51 12.95 -2.95
CA SER A 161 -7.54 12.62 -1.96
C SER A 161 -8.96 12.74 -2.53
N GLU A 162 -9.21 13.82 -3.26
CA GLU A 162 -10.52 14.06 -3.93
C GLU A 162 -10.82 12.92 -4.88
N LEU A 163 -9.85 12.60 -5.72
CA LEU A 163 -10.04 11.55 -6.72
C LEU A 163 -10.35 10.21 -6.04
N VAL A 164 -9.55 9.86 -5.02
CA VAL A 164 -9.76 8.62 -4.29
C VAL A 164 -11.17 8.56 -3.70
N SER A 165 -11.66 9.70 -3.20
CA SER A 165 -13.02 9.77 -2.64
C SER A 165 -14.10 9.39 -3.67
N THR A 166 -13.82 9.59 -4.95
CA THR A 166 -14.79 9.25 -6.01
C THR A 166 -14.70 7.78 -6.43
N LYS A 167 -13.65 7.09 -6.00
CA LYS A 167 -13.42 5.71 -6.42
CA LYS A 167 -13.43 5.70 -6.43
C LYS A 167 -13.66 4.67 -5.33
N VAL A 168 -13.80 5.13 -4.08
CA VAL A 168 -14.05 4.21 -2.97
CA VAL A 168 -14.04 4.23 -2.95
C VAL A 168 -15.53 3.86 -2.88
N PRO A 169 -15.84 2.59 -2.51
CA PRO A 169 -17.25 2.23 -2.33
C PRO A 169 -17.90 3.04 -1.21
N HIS A 170 -19.19 3.30 -1.32
CA HIS A 170 -19.88 4.22 -0.41
CA HIS A 170 -19.90 4.20 -0.41
C HIS A 170 -19.69 3.88 1.08
N GLU A 171 -19.64 2.60 1.41
CA GLU A 171 -19.52 2.19 2.81
C GLU A 171 -18.12 2.40 3.41
N LEU A 172 -17.15 2.72 2.55
CA LEU A 172 -15.80 3.02 3.01
C LEU A 172 -15.47 4.52 2.91
N ALA A 173 -16.46 5.32 2.58
CA ALA A 173 -16.29 6.77 2.39
C ALA A 173 -15.68 7.47 3.60
N ASP A 174 -16.23 7.20 4.79
CA ASP A 174 -15.77 7.87 6.01
C ASP A 174 -14.37 7.43 6.46
N ILE A 175 -14.11 6.12 6.42
CA ILE A 175 -12.78 5.59 6.80
C ILE A 175 -11.68 6.07 5.83
N SER A 176 -12.01 6.12 4.55
CA SER A 176 -11.09 6.63 3.54
C SER A 176 -10.82 8.12 3.77
N ARG A 177 -11.88 8.89 4.04
CA ARG A 177 -11.75 10.32 4.33
C ARG A 177 -10.94 10.57 5.61
N GLN A 178 -11.13 9.73 6.61
CA GLN A 178 -10.39 9.82 7.87
C GLN A 178 -8.88 9.69 7.61
N LEU A 179 -8.52 8.75 6.75
CA LEU A 179 -7.11 8.53 6.42
C LEU A 179 -6.51 9.73 5.70
N SER A 180 -7.21 10.24 4.69
CA SER A 180 -6.75 11.41 3.95
C SER A 180 -6.73 12.69 4.81
N ASP A 181 -7.74 12.87 5.66
CA ASP A 181 -7.78 14.00 6.59
C ASP A 181 -6.57 14.00 7.56
N GLY A 182 -6.19 12.81 8.03
CA GLY A 182 -5.04 12.66 8.92
C GLY A 182 -3.75 13.10 8.27
N ILE A 183 -3.55 12.69 7.01
CA ILE A 183 -2.40 13.11 6.22
C ILE A 183 -2.43 14.62 5.97
N ALA A 184 -3.61 15.13 5.60
CA ALA A 184 -3.79 16.57 5.37
C ALA A 184 -3.42 17.39 6.61
N ALA A 185 -3.86 16.92 7.78
CA ALA A 185 -3.51 17.58 9.04
C ALA A 185 -2.01 17.52 9.31
N GLY A 186 -1.36 16.41 8.96
CA GLY A 186 0.09 16.29 9.08
C GLY A 186 0.83 17.29 8.21
N ILE A 187 0.42 17.40 6.94
CA ILE A 187 1.05 18.36 6.03
C ILE A 187 0.90 19.78 6.56
N LYS A 188 -0.29 20.08 7.11
CA LYS A 188 -0.54 21.39 7.70
C LYS A 188 0.37 21.68 8.89
N LYS A 189 0.63 20.67 9.69
CA LYS A 189 1.60 20.82 10.78
C LYS A 189 2.98 21.18 10.25
N GLY A 190 3.40 20.51 9.18
CA GLY A 190 4.66 20.83 8.50
C GLY A 190 4.69 22.28 8.03
N ILE A 191 3.66 22.68 7.31
CA ILE A 191 3.55 24.05 6.81
C ILE A 191 3.67 25.06 7.95
N ASP A 192 2.94 24.80 9.03
CA ASP A 192 2.92 25.71 10.18
C ASP A 192 4.25 25.83 10.92
N ALA A 193 5.16 24.90 10.65
CA ALA A 193 6.50 24.90 11.27
C ALA A 193 7.54 25.68 10.45
N PHE A 194 7.23 25.98 9.19
CA PHE A 194 8.17 26.66 8.30
C PHE A 194 7.63 27.98 7.76
#